data_6BFB
#
_entry.id   6BFB
#
_cell.length_a   71.130
_cell.length_b   71.130
_cell.length_c   141.190
_cell.angle_alpha   90.00
_cell.angle_beta   90.00
_cell.angle_gamma   120.00
#
_symmetry.space_group_name_H-M   'P 31 2 1'
#
loop_
_entity.id
_entity.type
_entity.pdbx_description
1 polymer 'RNA (54-MER)'
2 polymer 'RNA (56-MER)'
3 non-polymer '5-[(3S,4S)-3-(dimethylamino)-4-hydroxypyrrolidin-1-yl]-6-fluoro-4-methyl-8-oxo-3,4-dihydro-8H-1-thia-4,9b-diazacyclopenta[cd]phenalene-9-carboxylic acid'
4 non-polymer 'MAGNESIUM ION'
5 water water
#
loop_
_entity_poly.entity_id
_entity_poly.type
_entity_poly.pdbx_seq_one_letter_code
_entity_poly.pdbx_strand_id
1 'polyribonucleotide' GGAUCUUCGGGGCAGGGUGAAAUUCCCGACCGGUGGUAUAGUCCACGAAAGCUU X
2 'polyribonucleotide' GCUUUGAUUUGGUGAAAUUCCAAAACCGACAGUAGAGUCUGGAUGAGAGAAGAUUC Y
#